data_2VHA
#
_entry.id   2VHA
#
_cell.length_a   48.410
_cell.length_b   68.180
_cell.length_c   80.210
_cell.angle_alpha   90.00
_cell.angle_beta   98.78
_cell.angle_gamma   90.00
#
_symmetry.space_group_name_H-M   'P 1 21 1'
#
loop_
_entity.id
_entity.type
_entity.pdbx_description
1 polymer 'PERIPLASMIC BINDING TRANSPORT PROTEIN'
2 non-polymer 'GLUTAMIC ACID'
3 non-polymer 2-AMINO-2-HYDROXYMETHYL-PROPANE-1,3-DIOL
4 water water
#
_entity_poly.entity_id   1
_entity_poly.type   'polypeptide(L)'
_entity_poly.pdbx_seq_one_letter_code
;DAAPAAGSTLDKIAKNGVIVVGHRESSVPFSYYDNQQKVVGYSQDYSNAIVEAVKKKLNKPDLQVKLIPITSQNRIPLLQ
NGTFDFECGSTTNNVERQKQAAFSDTIFVVGTRLLTKKGGDIKDFADLKGKAVVVTSGTTSEVLLNKLNEEQKMNMRIIS
AKDHGDSFRTLESGRAVAFMMDDALLAGERAKAKKPDNWDIVGKPQSQEAYGCMLRKDDPQFKKLMDDTIAQVQTSGEAE
KWFDKWFKNPIPPKNLNMNFELSDEMKALFKEPNDKALNLEHHHHHH
;
_entity_poly.pdbx_strand_id   A,B
#
loop_
_chem_comp.id
_chem_comp.type
_chem_comp.name
_chem_comp.formula
TRS non-polymer 2-AMINO-2-HYDROXYMETHYL-PROPANE-1,3-DIOL 'C4 H12 N O3 1'
#
# COMPACT_ATOMS: atom_id res chain seq x y z
N ALA A 3 14.18 14.05 -5.36
CA ALA A 3 13.52 13.71 -4.10
C ALA A 3 12.35 12.75 -4.30
N PRO A 4 12.21 11.76 -3.44
CA PRO A 4 11.10 10.79 -3.62
C PRO A 4 9.75 11.52 -3.68
N ALA A 5 9.01 11.18 -4.75
CA ALA A 5 7.66 11.69 -4.95
C ALA A 5 6.66 11.02 -4.04
N ALA A 6 5.60 11.75 -3.72
CA ALA A 6 4.52 11.18 -2.94
C ALA A 6 4.01 9.94 -3.65
N GLY A 7 3.73 8.89 -2.91
CA GLY A 7 3.22 7.67 -3.53
C GLY A 7 4.23 6.74 -4.11
N SER A 8 5.52 7.05 -3.85
CA SER A 8 6.66 6.19 -4.17
C SER A 8 7.07 5.38 -2.96
N THR A 9 7.80 4.30 -3.16
CA THR A 9 8.19 3.43 -2.07
C THR A 9 9.19 4.10 -1.16
N LEU A 10 10.17 4.84 -1.71
CA LEU A 10 11.07 5.55 -0.79
C LEU A 10 10.33 6.55 0.07
N ASP A 11 9.29 7.21 -0.47
CA ASP A 11 8.48 8.12 0.34
C ASP A 11 7.77 7.36 1.43
N LYS A 12 7.15 6.23 1.11
CA LYS A 12 6.46 5.41 2.10
C LYS A 12 7.38 5.02 3.24
N ILE A 13 8.58 4.53 2.86
CA ILE A 13 9.52 4.05 3.87
C ILE A 13 9.93 5.19 4.82
N ALA A 14 10.24 6.36 4.24
CA ALA A 14 10.64 7.50 5.03
C ALA A 14 9.51 7.93 5.97
N LYS A 15 8.30 7.96 5.44
CA LYS A 15 7.16 8.46 6.22
C LYS A 15 6.79 7.48 7.30
N ASN A 16 6.97 6.18 7.07
CA ASN A 16 6.61 5.15 8.08
C ASN A 16 7.78 4.79 8.99
N GLY A 17 9.03 5.21 8.64
CA GLY A 17 10.18 4.85 9.46
C GLY A 17 10.54 3.40 9.44
N VAL A 18 10.12 2.64 8.44
CA VAL A 18 10.39 1.20 8.37
C VAL A 18 10.41 0.81 6.90
N ILE A 19 11.25 -0.16 6.56
CA ILE A 19 11.18 -0.86 5.27
C ILE A 19 10.67 -2.27 5.53
N VAL A 20 9.63 -2.64 4.78
CA VAL A 20 8.98 -3.93 4.96
C VAL A 20 9.38 -4.85 3.81
N VAL A 21 10.14 -5.89 4.18
CA VAL A 21 10.70 -6.84 3.24
C VAL A 21 9.85 -8.09 3.24
N GLY A 22 9.18 -8.35 2.12
CA GLY A 22 8.48 -9.60 1.98
C GLY A 22 9.51 -10.71 1.76
N HIS A 23 9.17 -11.91 2.18
CA HIS A 23 10.06 -13.04 2.00
C HIS A 23 9.30 -14.33 1.92
N ARG A 24 9.97 -15.37 1.45
CA ARG A 24 9.34 -16.72 1.36
C ARG A 24 9.74 -17.55 2.56
N GLU A 25 8.94 -18.61 2.75
CA GLU A 25 9.17 -19.53 3.83
C GLU A 25 9.81 -20.85 3.37
N SER A 26 9.62 -21.15 2.08
CA SER A 26 9.98 -22.47 1.54
C SER A 26 10.41 -22.41 0.09
N SER A 27 11.18 -21.35 -0.28
CA SER A 27 11.69 -21.29 -1.65
C SER A 27 13.18 -21.55 -1.58
N VAL A 28 13.57 -22.81 -1.58
CA VAL A 28 14.91 -23.22 -1.21
C VAL A 28 15.73 -23.37 -2.52
N PRO A 29 16.95 -22.80 -2.63
CA PRO A 29 17.73 -22.08 -1.60
C PRO A 29 17.76 -20.59 -1.87
N PHE A 30 16.59 -19.99 -2.10
CA PHE A 30 16.41 -18.59 -2.50
C PHE A 30 16.04 -17.68 -1.32
N SER A 31 14.95 -18.04 -0.62
CA SER A 31 14.38 -17.26 0.49
C SER A 31 13.60 -18.25 1.34
N TYR A 32 14.10 -18.60 2.53
CA TYR A 32 13.53 -19.68 3.29
C TYR A 32 14.01 -19.62 4.72
N TYR A 33 13.36 -20.35 5.62
CA TYR A 33 13.74 -20.45 7.02
C TYR A 33 14.86 -21.45 7.22
N ASP A 34 15.92 -21.02 7.91
CA ASP A 34 17.03 -21.94 8.15
C ASP A 34 16.89 -22.82 9.40
N ASN A 35 15.84 -22.62 10.20
CA ASN A 35 15.71 -23.25 11.53
C ASN A 35 16.90 -22.89 12.44
N GLN A 36 17.48 -21.72 12.16
CA GLN A 36 18.43 -21.08 13.03
C GLN A 36 18.00 -19.64 13.27
N GLN A 37 16.69 -19.38 13.18
CA GLN A 37 16.04 -18.11 13.49
C GLN A 37 16.20 -17.02 12.42
N LYS A 38 16.67 -17.37 11.24
CA LYS A 38 16.87 -16.40 10.16
C LYS A 38 16.08 -16.77 8.90
N VAL A 39 15.84 -15.75 8.07
CA VAL A 39 15.40 -15.91 6.71
C VAL A 39 16.60 -15.77 5.79
N VAL A 40 16.90 -16.76 5.01
CA VAL A 40 18.17 -16.82 4.27
C VAL A 40 17.97 -17.27 2.83
N GLY A 41 19.05 -17.14 2.05
CA GLY A 41 19.14 -17.72 0.74
C GLY A 41 19.74 -16.78 -0.27
N TYR A 42 19.93 -17.30 -1.48
CA TYR A 42 20.57 -16.57 -2.56
C TYR A 42 19.79 -15.29 -2.92
N SER A 43 18.47 -15.41 -3.03
CA SER A 43 17.66 -14.22 -3.29
C SER A 43 17.61 -13.27 -2.11
N GLN A 44 17.53 -13.82 -0.90
CA GLN A 44 17.48 -12.98 0.28
C GLN A 44 18.78 -12.18 0.43
N ASP A 45 19.89 -12.70 -0.07
CA ASP A 45 21.15 -11.90 -0.06
C ASP A 45 20.98 -10.62 -0.86
N TYR A 46 20.26 -10.66 -1.96
CA TYR A 46 19.96 -9.43 -2.67
C TYR A 46 19.09 -8.50 -1.83
N SER A 47 18.07 -9.07 -1.15
CA SER A 47 17.22 -8.25 -0.29
C SER A 47 18.08 -7.52 0.75
N ASN A 48 19.02 -8.22 1.34
CA ASN A 48 19.84 -7.56 2.37
C ASN A 48 20.66 -6.41 1.78
N ALA A 49 21.20 -6.64 0.58
CA ALA A 49 21.93 -5.59 -0.11
C ALA A 49 21.05 -4.38 -0.43
N ILE A 50 19.80 -4.64 -0.86
CA ILE A 50 18.86 -3.58 -1.19
C ILE A 50 18.52 -2.80 0.08
N VAL A 51 18.28 -3.49 1.19
CA VAL A 51 18.00 -2.80 2.45
C VAL A 51 19.15 -1.85 2.84
N GLU A 52 20.41 -2.33 2.70
CA GLU A 52 21.55 -1.45 3.00
C GLU A 52 21.53 -0.24 2.08
N ALA A 53 21.21 -0.43 0.78
CA ALA A 53 21.19 0.68 -0.16
C ALA A 53 20.11 1.69 0.24
N VAL A 54 18.95 1.22 0.67
CA VAL A 54 17.89 2.10 1.14
C VAL A 54 18.34 2.89 2.38
N LYS A 55 18.94 2.22 3.35
CA LYS A 55 19.40 2.96 4.54
C LYS A 55 20.40 4.06 4.15
N LYS A 56 21.27 3.79 3.17
CA LYS A 56 22.24 4.80 2.73
C LYS A 56 21.52 5.93 2.01
N LYS A 57 20.64 5.57 1.06
CA LYS A 57 19.94 6.60 0.27
C LYS A 57 19.13 7.53 1.12
N LEU A 58 18.46 7.01 2.12
CA LEU A 58 17.62 7.81 2.99
C LEU A 58 18.44 8.42 4.14
N ASN A 59 19.75 8.12 4.28
CA ASN A 59 20.59 8.63 5.39
C ASN A 59 19.89 8.27 6.72
N LYS A 60 19.41 7.01 6.82
CA LYS A 60 18.75 6.48 8.02
C LYS A 60 19.41 5.18 8.48
N PRO A 61 20.55 5.26 9.14
CA PRO A 61 21.31 4.05 9.45
C PRO A 61 20.63 3.16 10.42
N ASP A 62 19.68 3.71 11.16
CA ASP A 62 18.96 2.93 12.18
C ASP A 62 17.56 2.58 11.66
N LEU A 63 17.29 2.65 10.37
CA LEU A 63 15.96 2.35 9.82
C LEU A 63 15.49 0.99 10.27
N GLN A 64 14.24 0.92 10.76
CA GLN A 64 13.68 -0.37 11.12
C GLN A 64 13.45 -1.22 9.88
N VAL A 65 13.71 -2.49 9.98
CA VAL A 65 13.49 -3.49 8.92
C VAL A 65 12.56 -4.53 9.46
N LYS A 66 11.43 -4.75 8.76
CA LYS A 66 10.44 -5.72 9.14
C LYS A 66 10.30 -6.76 8.05
N LEU A 67 10.42 -8.04 8.46
N LEU A 67 10.41 -8.05 8.42
CA LEU A 67 10.25 -9.16 7.54
CA LEU A 67 10.31 -9.17 7.49
C LEU A 67 8.79 -9.64 7.64
C LEU A 67 8.90 -9.80 7.59
N ILE A 68 8.17 -9.86 6.49
CA ILE A 68 6.80 -10.37 6.40
C ILE A 68 6.75 -11.57 5.47
N PRO A 69 6.30 -12.74 5.92
CA PRO A 69 6.16 -13.88 5.02
C PRO A 69 5.04 -13.65 4.02
N ILE A 70 5.30 -14.07 2.77
CA ILE A 70 4.32 -14.02 1.69
C ILE A 70 4.26 -15.39 1.04
N THR A 71 3.24 -15.60 0.20
CA THR A 71 3.11 -16.84 -0.58
C THR A 71 3.03 -16.54 -2.06
N SER A 72 3.11 -17.61 -2.87
CA SER A 72 2.96 -17.43 -4.31
C SER A 72 1.59 -16.88 -4.64
N GLN A 73 0.57 -17.33 -3.87
CA GLN A 73 -0.79 -16.86 -4.14
C GLN A 73 -1.00 -15.43 -3.70
N ASN A 74 -0.53 -15.02 -2.55
CA ASN A 74 -0.93 -13.75 -1.97
C ASN A 74 0.05 -12.61 -2.27
N ARG A 75 1.16 -12.88 -2.95
CA ARG A 75 2.19 -11.84 -3.05
C ARG A 75 1.74 -10.59 -3.78
N ILE A 76 0.99 -10.70 -4.87
CA ILE A 76 0.61 -9.48 -5.59
C ILE A 76 -0.45 -8.70 -4.82
N PRO A 77 -1.52 -9.27 -4.27
CA PRO A 77 -2.42 -8.48 -3.40
C PRO A 77 -1.70 -7.78 -2.27
N LEU A 78 -0.79 -8.45 -1.60
CA LEU A 78 -0.05 -7.86 -0.49
C LEU A 78 0.88 -6.71 -0.93
N LEU A 79 1.45 -6.87 -2.12
CA LEU A 79 2.29 -5.82 -2.67
C LEU A 79 1.49 -4.55 -2.95
N GLN A 80 0.30 -4.79 -3.56
CA GLN A 80 -0.44 -3.63 -4.05
C GLN A 80 -1.07 -2.77 -2.98
N ASN A 81 -1.31 -3.28 -1.78
CA ASN A 81 -1.79 -2.41 -0.73
C ASN A 81 -0.68 -2.01 0.25
N GLY A 82 0.56 -2.30 -0.13
CA GLY A 82 1.70 -1.87 0.72
C GLY A 82 1.94 -2.71 1.91
N THR A 83 1.40 -3.93 1.95
CA THR A 83 1.70 -4.81 3.09
C THR A 83 3.19 -5.06 3.22
N PHE A 84 3.88 -5.15 2.05
CA PHE A 84 5.34 -5.14 2.00
C PHE A 84 5.79 -4.22 0.85
N ASP A 85 7.09 -3.88 0.86
CA ASP A 85 7.65 -2.94 -0.10
C ASP A 85 8.33 -3.64 -1.27
N PHE A 86 9.12 -4.69 -1.04
CA PHE A 86 9.68 -5.48 -2.12
C PHE A 86 9.97 -6.88 -1.58
N GLU A 87 10.22 -7.81 -2.47
CA GLU A 87 10.62 -9.17 -2.06
C GLU A 87 11.59 -9.70 -3.12
N CYS A 88 12.61 -10.44 -2.69
CA CYS A 88 13.47 -11.20 -3.59
C CYS A 88 13.38 -12.64 -3.19
N GLY A 89 12.90 -13.50 -4.08
CA GLY A 89 12.63 -14.89 -3.78
C GLY A 89 12.70 -15.73 -5.01
N SER A 90 11.51 -16.23 -5.40
CA SER A 90 11.34 -17.14 -6.51
C SER A 90 10.16 -16.72 -7.38
N THR A 91 9.93 -15.41 -7.52
CA THR A 91 8.85 -14.93 -8.37
C THR A 91 9.29 -14.75 -9.80
N THR A 92 8.58 -15.41 -10.73
CA THR A 92 8.78 -15.23 -12.16
C THR A 92 8.28 -13.86 -12.58
N ASN A 93 9.13 -13.17 -13.32
CA ASN A 93 8.82 -11.97 -14.08
C ASN A 93 8.19 -12.38 -15.38
N ASN A 94 6.92 -12.05 -15.60
CA ASN A 94 6.29 -12.29 -16.91
C ASN A 94 5.43 -11.10 -17.29
N VAL A 95 5.01 -11.09 -18.56
CA VAL A 95 4.30 -9.95 -19.11
C VAL A 95 2.99 -9.75 -18.38
N GLU A 96 2.30 -10.84 -18.05
CA GLU A 96 1.00 -10.69 -17.37
C GLU A 96 1.16 -10.02 -16.01
N ARG A 97 2.18 -10.46 -15.27
CA ARG A 97 2.40 -9.85 -13.93
C ARG A 97 2.88 -8.43 -13.98
N GLN A 98 3.57 -8.06 -15.09
CA GLN A 98 3.95 -6.65 -15.29
C GLN A 98 2.75 -5.74 -15.38
N LYS A 99 1.54 -6.25 -15.60
CA LYS A 99 0.36 -5.40 -15.51
C LYS A 99 -0.02 -5.03 -14.08
N GLN A 100 0.51 -5.78 -13.08
CA GLN A 100 0.21 -5.61 -11.69
C GLN A 100 1.35 -5.19 -10.78
N ALA A 101 2.58 -5.33 -11.25
CA ALA A 101 3.79 -5.24 -10.44
C ALA A 101 4.94 -4.91 -11.34
N ALA A 102 6.09 -4.56 -10.78
CA ALA A 102 7.33 -4.42 -11.51
C ALA A 102 8.37 -5.39 -10.98
N PHE A 103 9.37 -5.63 -11.80
CA PHE A 103 10.41 -6.57 -11.51
C PHE A 103 11.77 -5.94 -11.69
N SER A 104 12.70 -6.31 -10.84
CA SER A 104 14.12 -5.95 -10.99
C SER A 104 14.76 -6.70 -12.14
N ASP A 105 16.01 -6.38 -12.38
CA ASP A 105 16.89 -7.23 -13.18
C ASP A 105 16.83 -8.65 -12.64
N THR A 106 16.96 -9.56 -13.60
CA THR A 106 16.85 -10.99 -13.35
C THR A 106 17.96 -11.49 -12.44
N ILE A 107 17.60 -12.33 -11.49
CA ILE A 107 18.55 -12.91 -10.53
C ILE A 107 18.74 -14.43 -10.71
N PHE A 108 17.85 -15.11 -11.47
CA PHE A 108 18.00 -16.53 -11.68
C PHE A 108 17.07 -16.96 -12.82
N VAL A 109 17.33 -18.12 -13.41
CA VAL A 109 16.55 -18.69 -14.48
C VAL A 109 16.27 -20.16 -14.16
N VAL A 110 15.02 -20.58 -14.35
CA VAL A 110 14.58 -21.96 -14.07
C VAL A 110 13.80 -22.51 -15.23
N GLY A 111 13.64 -23.85 -15.20
CA GLY A 111 12.74 -24.57 -16.10
C GLY A 111 11.75 -25.37 -15.26
N THR A 112 10.52 -25.44 -15.68
CA THR A 112 9.46 -26.10 -14.90
C THR A 112 9.42 -27.60 -15.23
N ARG A 113 9.70 -28.42 -14.20
CA ARG A 113 9.86 -29.84 -14.36
C ARG A 113 9.04 -30.61 -13.29
N LEU A 114 9.33 -31.89 -13.10
CA LEU A 114 8.60 -32.74 -12.17
C LEU A 114 9.57 -33.37 -11.19
N LEU A 115 9.15 -33.46 -9.93
CA LEU A 115 9.84 -34.30 -8.93
C LEU A 115 8.98 -35.53 -8.70
N THR A 116 9.62 -36.69 -8.67
CA THR A 116 8.86 -37.95 -8.59
C THR A 116 9.74 -39.03 -8.00
N LYS A 117 9.18 -40.15 -7.57
CA LYS A 117 10.01 -41.24 -7.04
C LYS A 117 10.94 -41.79 -8.09
N LYS A 118 12.21 -41.89 -7.71
CA LYS A 118 13.24 -42.38 -8.58
C LYS A 118 12.85 -43.81 -9.00
N GLY A 119 12.30 -44.68 -8.17
CA GLY A 119 11.87 -46.08 -8.28
C GLY A 119 10.55 -46.32 -9.01
N GLY A 120 9.87 -45.17 -9.30
CA GLY A 120 8.58 -45.19 -9.93
C GLY A 120 8.58 -45.13 -11.46
N ASP A 121 7.36 -44.95 -12.02
CA ASP A 121 7.00 -44.99 -13.41
C ASP A 121 6.89 -43.64 -14.12
N ILE A 122 7.12 -42.51 -13.48
CA ILE A 122 6.97 -41.21 -14.12
C ILE A 122 8.30 -40.76 -14.74
N LYS A 123 8.45 -40.73 -16.05
CA LYS A 123 9.63 -40.29 -16.76
C LYS A 123 9.39 -39.00 -17.51
N ASP A 124 8.20 -38.60 -17.90
CA ASP A 124 7.91 -37.34 -18.64
C ASP A 124 6.48 -36.93 -18.28
N PHE A 125 6.12 -35.78 -18.79
CA PHE A 125 4.77 -35.28 -18.51
C PHE A 125 3.67 -36.20 -18.98
N ALA A 126 3.85 -36.86 -20.14
CA ALA A 126 2.79 -37.72 -20.66
C ALA A 126 2.42 -38.83 -19.68
N ASP A 127 3.36 -39.25 -18.83
CA ASP A 127 3.13 -40.33 -17.91
C ASP A 127 2.19 -39.90 -16.77
N LEU A 128 1.88 -38.62 -16.67
CA LEU A 128 0.98 -38.12 -15.66
C LEU A 128 -0.50 -38.36 -16.01
N LYS A 129 -0.84 -38.84 -17.22
CA LYS A 129 -2.23 -39.03 -17.57
C LYS A 129 -2.94 -39.89 -16.54
N GLY A 130 -4.06 -39.37 -16.07
CA GLY A 130 -4.90 -40.10 -15.11
C GLY A 130 -4.34 -40.21 -13.73
N LYS A 131 -3.30 -39.39 -13.39
CA LYS A 131 -2.61 -39.43 -12.13
C LYS A 131 -2.90 -38.21 -11.25
N ALA A 132 -2.62 -38.36 -9.96
CA ALA A 132 -2.68 -37.22 -9.02
C ALA A 132 -1.33 -36.49 -9.06
N VAL A 133 -1.39 -35.19 -9.24
CA VAL A 133 -0.20 -34.35 -9.39
C VAL A 133 -0.36 -33.13 -8.50
N VAL A 134 0.67 -32.81 -7.74
CA VAL A 134 0.62 -31.64 -6.85
C VAL A 134 1.40 -30.47 -7.46
N VAL A 135 0.87 -29.28 -7.17
CA VAL A 135 1.50 -28.03 -7.62
C VAL A 135 1.22 -26.98 -6.56
N THR A 136 2.06 -25.94 -6.45
CA THR A 136 1.82 -24.90 -5.47
C THR A 136 0.85 -23.87 -6.05
N SER A 137 -0.14 -23.50 -5.23
CA SER A 137 -1.13 -22.53 -5.59
C SER A 137 -0.45 -21.21 -6.01
C SER A 137 -0.54 -21.17 -5.95
N GLY A 138 -1.02 -20.59 -7.06
CA GLY A 138 -0.62 -19.23 -7.39
C GLY A 138 0.63 -19.12 -8.22
N THR A 139 1.11 -20.26 -8.76
CA THR A 139 2.34 -20.29 -9.52
C THR A 139 2.09 -20.43 -11.02
N THR A 140 3.16 -20.12 -11.77
CA THR A 140 3.17 -20.32 -13.22
C THR A 140 2.99 -21.82 -13.52
N SER A 141 3.52 -22.70 -12.69
CA SER A 141 3.35 -24.14 -12.91
C SER A 141 1.89 -24.53 -12.78
N GLU A 142 1.18 -23.95 -11.83
CA GLU A 142 -0.25 -24.27 -11.71
C GLU A 142 -0.97 -23.90 -12.99
N VAL A 143 -0.68 -22.73 -13.56
CA VAL A 143 -1.29 -22.30 -14.82
C VAL A 143 -0.98 -23.30 -15.93
N LEU A 144 0.31 -23.62 -16.09
CA LEU A 144 0.73 -24.51 -17.12
C LEU A 144 0.11 -25.90 -17.01
N LEU A 145 0.06 -26.42 -15.78
CA LEU A 145 -0.40 -27.77 -15.53
C LEU A 145 -1.94 -27.85 -15.81
N ASN A 146 -2.71 -26.86 -15.39
CA ASN A 146 -4.12 -26.85 -15.73
C ASN A 146 -4.38 -26.74 -17.22
N LYS A 147 -3.56 -25.95 -17.91
CA LYS A 147 -3.70 -25.84 -19.36
C LYS A 147 -3.37 -27.13 -20.06
N LEU A 148 -2.31 -27.77 -19.59
N LEU A 148 -2.32 -27.82 -19.63
CA LEU A 148 -1.92 -29.05 -20.18
CA LEU A 148 -1.96 -29.13 -20.18
C LEU A 148 -3.03 -30.06 -19.96
C LEU A 148 -3.12 -30.10 -20.00
N ASN A 149 -3.63 -30.07 -18.76
CA ASN A 149 -4.73 -30.98 -18.44
C ASN A 149 -5.88 -30.82 -19.39
N GLU A 150 -6.26 -29.57 -19.66
CA GLU A 150 -7.41 -29.28 -20.52
C GLU A 150 -7.08 -29.54 -21.99
N GLU A 151 -5.97 -28.96 -22.50
CA GLU A 151 -5.70 -29.02 -23.92
C GLU A 151 -5.24 -30.37 -24.42
N GLN A 152 -4.54 -31.12 -23.57
CA GLN A 152 -4.13 -32.46 -23.90
C GLN A 152 -5.05 -33.54 -23.26
N LYS A 153 -6.12 -33.12 -22.61
CA LYS A 153 -7.14 -34.04 -22.07
C LYS A 153 -6.49 -35.15 -21.24
N MET A 154 -5.71 -34.72 -20.25
CA MET A 154 -4.88 -35.68 -19.50
C MET A 154 -5.58 -36.39 -18.32
N ASN A 155 -6.71 -35.84 -17.87
CA ASN A 155 -7.43 -36.38 -16.72
C ASN A 155 -6.59 -36.51 -15.46
N MET A 156 -5.67 -35.54 -15.26
CA MET A 156 -4.95 -35.42 -13.99
C MET A 156 -5.86 -34.86 -12.91
N ARG A 157 -5.64 -35.35 -11.69
CA ARG A 157 -6.25 -34.79 -10.51
C ARG A 157 -5.20 -33.83 -9.90
N ILE A 158 -5.43 -32.53 -10.05
CA ILE A 158 -4.44 -31.54 -9.64
C ILE A 158 -4.72 -31.11 -8.22
N ILE A 159 -3.76 -31.32 -7.36
CA ILE A 159 -3.77 -30.93 -5.96
C ILE A 159 -2.99 -29.62 -5.83
N SER A 160 -3.64 -28.58 -5.31
CA SER A 160 -3.02 -27.25 -5.22
C SER A 160 -2.69 -26.99 -3.77
N ALA A 161 -1.43 -26.98 -3.39
CA ALA A 161 -0.93 -26.84 -2.03
C ALA A 161 -0.42 -25.42 -1.75
N LYS A 162 -0.39 -25.04 -0.46
CA LYS A 162 -0.19 -23.59 -0.14
C LYS A 162 1.26 -23.11 -0.35
N ASP A 163 2.23 -23.98 -0.28
CA ASP A 163 3.64 -23.57 -0.45
C ASP A 163 4.43 -24.78 -0.88
N HIS A 164 5.69 -24.54 -1.27
CA HIS A 164 6.47 -25.59 -1.90
C HIS A 164 6.72 -26.78 -0.98
N GLY A 165 6.97 -26.55 0.31
CA GLY A 165 7.18 -27.66 1.21
C GLY A 165 5.92 -28.47 1.39
N ASP A 166 4.77 -27.80 1.43
CA ASP A 166 3.48 -28.53 1.54
C ASP A 166 3.30 -29.39 0.30
N SER A 167 3.63 -28.88 -0.88
CA SER A 167 3.57 -29.65 -2.11
C SER A 167 4.47 -30.86 -2.01
N PHE A 168 5.75 -30.63 -1.63
CA PHE A 168 6.66 -31.77 -1.55
C PHE A 168 6.13 -32.81 -0.58
N ARG A 169 5.64 -32.39 0.58
CA ARG A 169 5.20 -33.38 1.56
C ARG A 169 3.96 -34.15 1.06
N THR A 170 3.17 -33.53 0.20
CA THR A 170 2.07 -34.26 -0.50
C THR A 170 2.60 -35.43 -1.30
N LEU A 171 3.66 -35.18 -2.08
CA LEU A 171 4.38 -36.21 -2.82
C LEU A 171 4.96 -37.24 -1.93
N GLU A 172 5.70 -36.82 -0.90
CA GLU A 172 6.45 -37.73 -0.03
C GLU A 172 5.54 -38.71 0.72
N SER A 173 4.38 -38.22 1.12
CA SER A 173 3.40 -39.00 1.86
C SER A 173 2.46 -39.81 1.00
N GLY A 174 2.68 -39.85 -0.32
CA GLY A 174 1.92 -40.71 -1.20
C GLY A 174 0.60 -40.16 -1.65
N ARG A 175 0.37 -38.90 -1.48
CA ARG A 175 -0.86 -38.24 -1.91
C ARG A 175 -0.83 -37.73 -3.35
N ALA A 176 0.34 -37.78 -3.98
CA ALA A 176 0.47 -37.41 -5.38
C ALA A 176 1.65 -38.21 -5.92
N VAL A 177 1.69 -38.46 -7.23
CA VAL A 177 2.80 -39.20 -7.83
C VAL A 177 3.92 -38.27 -8.33
N ALA A 178 3.68 -37.00 -8.46
CA ALA A 178 4.69 -36.04 -8.91
C ALA A 178 4.26 -34.67 -8.45
N PHE A 179 5.30 -33.81 -8.31
CA PHE A 179 5.19 -32.40 -7.96
C PHE A 179 5.73 -31.60 -9.13
N MET A 180 4.96 -30.77 -9.78
CA MET A 180 5.45 -29.88 -10.84
C MET A 180 5.88 -28.53 -10.23
N MET A 181 7.12 -28.12 -10.52
CA MET A 181 7.60 -26.82 -10.08
C MET A 181 8.91 -26.50 -10.80
N ASP A 182 9.31 -25.23 -10.70
CA ASP A 182 10.62 -24.77 -11.06
C ASP A 182 11.66 -25.78 -10.58
N ASP A 183 12.56 -26.19 -11.46
CA ASP A 183 13.54 -27.21 -11.15
C ASP A 183 14.38 -26.89 -9.91
N ALA A 184 14.85 -25.64 -9.78
CA ALA A 184 15.69 -25.31 -8.62
C ALA A 184 14.90 -25.51 -7.31
N LEU A 185 13.65 -25.12 -7.32
CA LEU A 185 12.80 -25.29 -6.11
C LEU A 185 12.57 -26.74 -5.79
N LEU A 186 12.39 -27.58 -6.81
CA LEU A 186 12.26 -29.03 -6.59
C LEU A 186 13.48 -29.59 -5.91
N ALA A 187 14.67 -29.17 -6.41
CA ALA A 187 15.92 -29.61 -5.79
C ALA A 187 16.02 -29.12 -4.35
N GLY A 188 15.56 -27.88 -4.10
CA GLY A 188 15.58 -27.37 -2.74
C GLY A 188 14.70 -28.11 -1.79
N GLU A 189 13.49 -28.51 -2.23
CA GLU A 189 12.63 -29.33 -1.37
C GLU A 189 13.24 -30.70 -1.19
N ARG A 190 13.82 -31.27 -2.21
CA ARG A 190 14.50 -32.57 -2.06
C ARG A 190 15.59 -32.52 -1.02
N ALA A 191 16.29 -31.40 -0.95
CA ALA A 191 17.39 -31.22 -0.01
C ALA A 191 16.90 -31.26 1.44
N LYS A 192 15.63 -31.15 1.69
CA LYS A 192 15.05 -31.24 3.01
C LYS A 192 14.33 -32.56 3.29
N ALA A 193 14.26 -33.43 2.32
CA ALA A 193 13.43 -34.62 2.41
C ALA A 193 13.92 -35.63 3.42
N LYS A 194 13.05 -36.54 3.83
CA LYS A 194 13.53 -37.58 4.70
C LYS A 194 14.59 -38.46 4.03
N LYS A 195 14.41 -38.76 2.77
CA LYS A 195 15.35 -39.56 1.96
C LYS A 195 15.54 -38.86 0.64
N PRO A 196 16.44 -37.91 0.60
CA PRO A 196 16.60 -37.08 -0.65
C PRO A 196 16.84 -37.93 -1.89
N ASP A 197 17.60 -39.03 -1.73
CA ASP A 197 17.93 -39.95 -2.78
C ASP A 197 16.77 -40.66 -3.43
N ASN A 198 15.63 -40.64 -2.80
CA ASN A 198 14.45 -41.28 -3.33
C ASN A 198 13.79 -40.52 -4.49
N TRP A 199 14.22 -39.30 -4.76
CA TRP A 199 13.48 -38.40 -5.61
C TRP A 199 14.30 -37.92 -6.80
N ASP A 200 13.71 -37.93 -7.97
CA ASP A 200 14.29 -37.53 -9.21
C ASP A 200 13.55 -36.33 -9.82
N ILE A 201 14.27 -35.44 -10.45
CA ILE A 201 13.71 -34.37 -11.30
C ILE A 201 13.70 -34.89 -12.72
N VAL A 202 12.53 -34.98 -13.34
CA VAL A 202 12.31 -35.54 -14.64
C VAL A 202 11.47 -34.62 -15.51
N GLY A 203 11.47 -34.93 -16.81
CA GLY A 203 10.54 -34.30 -17.74
C GLY A 203 11.16 -33.16 -18.53
N LYS A 204 10.61 -32.94 -19.72
CA LYS A 204 11.01 -31.78 -20.48
C LYS A 204 10.44 -30.53 -19.84
N PRO A 205 11.26 -29.47 -19.72
CA PRO A 205 10.71 -28.25 -19.10
C PRO A 205 9.56 -27.72 -19.90
N GLN A 206 8.52 -27.26 -19.18
CA GLN A 206 7.34 -26.74 -19.83
C GLN A 206 7.46 -25.23 -20.12
N SER A 207 8.43 -24.57 -19.51
CA SER A 207 8.70 -23.17 -19.63
C SER A 207 10.14 -22.92 -19.16
N GLN A 208 10.63 -21.76 -19.60
CA GLN A 208 11.88 -21.18 -19.10
C GLN A 208 11.49 -19.83 -18.52
N GLU A 209 11.84 -19.60 -17.26
CA GLU A 209 11.32 -18.45 -16.53
C GLU A 209 12.46 -17.73 -15.76
N ALA A 210 12.37 -16.41 -15.79
CA ALA A 210 13.28 -15.53 -15.10
C ALA A 210 12.73 -15.08 -13.74
N TYR A 211 13.52 -15.21 -12.68
CA TYR A 211 13.19 -14.64 -11.40
C TYR A 211 13.67 -13.17 -11.35
N GLY A 212 12.84 -12.31 -10.81
CA GLY A 212 13.20 -10.97 -10.45
C GLY A 212 12.76 -10.68 -9.03
N CYS A 213 13.37 -9.73 -8.35
CA CYS A 213 12.76 -9.18 -7.16
C CYS A 213 11.54 -8.41 -7.62
N MET A 214 10.48 -8.42 -6.84
CA MET A 214 9.20 -7.80 -7.19
C MET A 214 9.00 -6.57 -6.30
N LEU A 215 8.48 -5.52 -6.92
CA LEU A 215 8.18 -4.24 -6.29
C LEU A 215 6.94 -3.64 -6.97
N ARG A 216 6.41 -2.54 -6.42
CA ARG A 216 5.23 -1.94 -7.06
C ARG A 216 5.55 -1.38 -8.43
N LYS A 217 4.52 -1.39 -9.26
CA LYS A 217 4.62 -0.81 -10.60
C LYS A 217 4.67 0.72 -10.49
N ASP A 218 5.18 1.33 -11.55
CA ASP A 218 5.12 2.78 -11.70
C ASP A 218 5.93 3.46 -10.60
N ASP A 219 7.03 2.84 -10.20
CA ASP A 219 7.94 3.39 -9.18
C ASP A 219 9.36 3.28 -9.69
N PRO A 220 9.71 4.18 -10.63
CA PRO A 220 11.02 4.07 -11.31
C PRO A 220 12.18 4.26 -10.35
N GLN A 221 12.03 5.15 -9.37
CA GLN A 221 13.19 5.42 -8.50
C GLN A 221 13.53 4.19 -7.65
N PHE A 222 12.53 3.51 -7.11
CA PHE A 222 12.81 2.32 -6.28
C PHE A 222 13.33 1.20 -7.17
N LYS A 223 12.78 1.04 -8.37
CA LYS A 223 13.30 0.02 -9.29
C LYS A 223 14.77 0.30 -9.61
N LYS A 224 15.10 1.60 -9.79
CA LYS A 224 16.46 1.95 -10.12
C LYS A 224 17.41 1.63 -8.95
N LEU A 225 17.00 1.93 -7.73
CA LEU A 225 17.83 1.58 -6.57
C LEU A 225 18.07 0.09 -6.56
N MET A 226 17.03 -0.72 -6.76
CA MET A 226 17.17 -2.14 -6.72
C MET A 226 18.05 -2.65 -7.83
N ASP A 227 17.81 -2.17 -9.05
CA ASP A 227 18.60 -2.62 -10.21
C ASP A 227 20.06 -2.19 -10.08
N ASP A 228 20.28 -0.99 -9.57
CA ASP A 228 21.67 -0.53 -9.38
C ASP A 228 22.39 -1.44 -8.40
N THR A 229 21.72 -1.82 -7.32
CA THR A 229 22.32 -2.70 -6.30
C THR A 229 22.62 -4.04 -6.90
N ILE A 230 21.64 -4.61 -7.62
CA ILE A 230 21.82 -5.90 -8.28
C ILE A 230 22.98 -5.88 -9.27
N ALA A 231 23.06 -4.77 -10.04
CA ALA A 231 24.06 -4.67 -11.07
C ALA A 231 25.46 -4.70 -10.45
N GLN A 232 25.64 -4.02 -9.36
CA GLN A 232 26.96 -4.03 -8.70
C GLN A 232 27.27 -5.43 -8.23
N VAL A 233 26.34 -6.12 -7.58
CA VAL A 233 26.58 -7.47 -7.08
C VAL A 233 26.92 -8.37 -8.21
N GLN A 234 26.18 -8.32 -9.31
CA GLN A 234 26.38 -9.25 -10.39
C GLN A 234 27.68 -8.97 -11.17
N THR A 235 27.89 -7.73 -11.55
CA THR A 235 29.03 -7.42 -12.41
C THR A 235 30.36 -7.50 -11.64
N SER A 236 30.36 -7.39 -10.32
CA SER A 236 31.58 -7.45 -9.54
C SER A 236 32.03 -8.90 -9.29
N GLY A 237 31.20 -9.90 -9.63
CA GLY A 237 31.54 -11.27 -9.27
C GLY A 237 30.90 -11.75 -8.00
N GLU A 238 30.29 -10.88 -7.18
CA GLU A 238 29.72 -11.31 -5.89
C GLU A 238 28.56 -12.25 -6.12
N ALA A 239 27.73 -12.02 -7.12
CA ALA A 239 26.54 -12.89 -7.31
C ALA A 239 27.00 -14.32 -7.54
N GLU A 240 28.08 -14.53 -8.29
CA GLU A 240 28.52 -15.93 -8.50
C GLU A 240 29.04 -16.50 -7.21
N LYS A 241 29.67 -15.70 -6.35
CA LYS A 241 30.05 -16.22 -5.03
C LYS A 241 28.81 -16.61 -4.24
N TRP A 242 27.75 -15.82 -4.34
CA TRP A 242 26.51 -16.20 -3.67
C TRP A 242 25.91 -17.49 -4.22
N PHE A 243 25.95 -17.62 -5.55
CA PHE A 243 25.54 -18.85 -6.19
C PHE A 243 26.31 -20.03 -5.62
N ASP A 244 27.65 -19.92 -5.58
CA ASP A 244 28.42 -21.07 -5.12
C ASP A 244 28.05 -21.43 -3.72
N LYS A 245 27.82 -20.42 -2.89
CA LYS A 245 27.50 -20.69 -1.51
C LYS A 245 26.18 -21.48 -1.36
N TRP A 246 25.15 -21.07 -2.09
CA TRP A 246 23.81 -21.63 -1.93
C TRP A 246 23.55 -22.86 -2.78
N PHE A 247 24.32 -23.06 -3.82
CA PHE A 247 24.05 -24.12 -4.79
C PHE A 247 25.14 -25.17 -4.95
N LYS A 248 26.37 -24.88 -4.40
CA LYS A 248 27.47 -25.81 -4.55
C LYS A 248 28.08 -26.25 -3.23
N ASN A 249 27.53 -25.80 -2.11
CA ASN A 249 28.03 -26.11 -0.78
C ASN A 249 26.89 -26.55 0.12
N PRO A 250 27.16 -27.24 1.21
CA PRO A 250 26.05 -27.65 2.09
C PRO A 250 25.32 -26.43 2.60
N ILE A 251 24.00 -26.53 2.64
CA ILE A 251 23.11 -25.47 3.10
C ILE A 251 22.19 -25.98 4.20
N PRO A 252 21.65 -25.05 5.00
CA PRO A 252 20.60 -25.42 5.97
C PRO A 252 19.34 -25.82 5.22
N PRO A 253 18.45 -26.56 5.91
CA PRO A 253 18.62 -26.97 7.29
C PRO A 253 19.14 -28.37 7.52
N LYS A 254 19.45 -29.07 6.45
CA LYS A 254 19.86 -30.46 6.62
C LYS A 254 21.30 -30.68 6.22
N ASN A 255 22.00 -29.62 5.84
CA ASN A 255 23.42 -29.69 5.50
C ASN A 255 23.66 -30.46 4.21
N LEU A 256 22.63 -30.49 3.36
CA LEU A 256 22.79 -31.18 2.07
C LEU A 256 23.16 -30.16 1.00
N ASN A 257 23.56 -30.66 -0.16
CA ASN A 257 24.10 -29.83 -1.23
C ASN A 257 23.16 -29.88 -2.44
N MET A 258 22.86 -28.75 -3.04
CA MET A 258 22.11 -28.75 -4.27
C MET A 258 22.93 -29.38 -5.40
N ASN A 259 24.24 -29.19 -5.36
CA ASN A 259 25.10 -29.64 -6.44
C ASN A 259 24.63 -29.14 -7.80
N PHE A 260 24.34 -27.82 -7.96
CA PHE A 260 23.98 -27.21 -9.21
C PHE A 260 25.21 -26.53 -9.83
N GLU A 261 25.15 -26.27 -11.14
CA GLU A 261 26.16 -25.51 -11.84
C GLU A 261 25.54 -24.26 -12.44
N LEU A 262 26.27 -23.16 -12.42
CA LEU A 262 25.77 -21.87 -12.91
C LEU A 262 25.71 -21.94 -14.44
N SER A 263 24.54 -21.59 -15.00
CA SER A 263 24.47 -21.70 -16.46
C SER A 263 25.25 -20.58 -17.13
N ASP A 264 25.53 -20.83 -18.41
CA ASP A 264 26.18 -19.79 -19.24
C ASP A 264 25.24 -18.60 -19.37
N GLU A 265 23.93 -18.82 -19.42
CA GLU A 265 23.00 -17.70 -19.53
C GLU A 265 23.07 -16.82 -18.29
N MET A 266 23.19 -17.48 -17.12
CA MET A 266 23.29 -16.61 -15.95
C MET A 266 24.60 -15.84 -15.94
N LYS A 267 25.66 -16.54 -16.44
CA LYS A 267 26.94 -15.84 -16.48
C LYS A 267 26.86 -14.60 -17.38
N ALA A 268 26.13 -14.74 -18.46
CA ALA A 268 25.93 -13.66 -19.43
C ALA A 268 25.12 -12.52 -18.84
N LEU A 269 24.04 -12.78 -18.13
CA LEU A 269 23.29 -11.81 -17.35
C LEU A 269 24.18 -11.14 -16.29
N PHE A 270 25.02 -11.90 -15.60
CA PHE A 270 25.81 -11.29 -14.55
C PHE A 270 26.82 -10.26 -15.07
N LYS A 271 27.25 -10.43 -16.33
CA LYS A 271 28.12 -9.46 -16.94
C LYS A 271 27.36 -8.24 -17.47
N GLU A 272 26.10 -8.49 -17.91
CA GLU A 272 25.31 -7.33 -18.37
C GLU A 272 23.89 -7.48 -17.88
N PRO A 273 23.60 -7.04 -16.68
CA PRO A 273 22.26 -7.30 -16.07
C PRO A 273 21.07 -6.78 -16.90
N ASN A 274 19.95 -7.50 -16.89
CA ASN A 274 18.76 -6.92 -17.53
C ASN A 274 17.50 -7.48 -16.86
N ASP A 275 16.34 -6.93 -17.19
CA ASP A 275 15.06 -7.22 -16.53
C ASP A 275 13.93 -7.68 -17.41
N LYS A 276 14.20 -8.24 -18.53
CA LYS A 276 13.33 -8.82 -19.48
C LYS A 276 12.81 -10.17 -19.02
N ALA A 277 11.49 -10.26 -19.09
CA ALA A 277 10.82 -11.54 -18.92
C ALA A 277 11.33 -12.52 -19.96
N LEU A 278 11.29 -13.81 -19.64
CA LEU A 278 11.68 -14.58 -20.85
C LEU A 278 10.49 -14.74 -21.77
N ASN A 279 9.40 -14.17 -21.54
N ALA B 3 -12.83 -14.02 8.07
CA ALA B 3 -11.40 -13.79 8.21
C ALA B 3 -10.90 -12.84 7.12
N PRO B 4 -10.06 -11.87 7.43
CA PRO B 4 -9.64 -10.95 6.36
C PRO B 4 -8.94 -11.64 5.20
N ALA B 5 -9.31 -11.25 3.98
CA ALA B 5 -8.72 -11.69 2.72
C ALA B 5 -7.36 -11.08 2.51
N ALA B 6 -6.49 -11.86 1.87
CA ALA B 6 -5.22 -11.32 1.47
C ALA B 6 -5.45 -10.05 0.68
N GLY B 7 -4.66 -9.06 0.98
CA GLY B 7 -4.71 -7.84 0.25
C GLY B 7 -5.74 -6.90 0.74
N SER B 8 -6.45 -7.19 1.84
CA SER B 8 -7.33 -6.28 2.53
C SER B 8 -6.58 -5.49 3.60
N THR B 9 -7.23 -4.42 4.09
CA THR B 9 -6.55 -3.59 5.08
C THR B 9 -6.40 -4.28 6.43
N LEU B 10 -7.44 -5.04 6.86
CA LEU B 10 -7.26 -5.77 8.12
C LEU B 10 -6.15 -6.80 8.01
N ASP B 11 -5.98 -7.42 6.84
CA ASP B 11 -4.86 -8.34 6.61
C ASP B 11 -3.52 -7.61 6.73
N LYS B 12 -3.40 -6.44 6.07
CA LYS B 12 -2.19 -5.67 6.17
C LYS B 12 -1.84 -5.32 7.59
N ILE B 13 -2.85 -4.84 8.33
CA ILE B 13 -2.64 -4.44 9.71
C ILE B 13 -2.18 -5.59 10.58
N ALA B 14 -2.83 -6.73 10.46
CA ALA B 14 -2.45 -7.90 11.25
C ALA B 14 -1.06 -8.36 10.89
N LYS B 15 -0.72 -8.38 9.59
CA LYS B 15 0.60 -8.87 9.17
C LYS B 15 1.72 -7.92 9.60
N ASN B 16 1.48 -6.61 9.65
N ASN B 16 1.49 -6.61 9.64
CA ASN B 16 2.44 -5.61 10.04
CA ASN B 16 2.50 -5.64 10.00
C ASN B 16 2.50 -5.39 11.55
C ASN B 16 2.44 -5.27 11.49
N GLY B 17 1.41 -5.66 12.25
CA GLY B 17 1.27 -5.33 13.65
C GLY B 17 1.10 -3.84 13.91
N VAL B 18 0.65 -3.10 12.93
CA VAL B 18 0.54 -1.65 13.02
C VAL B 18 -0.69 -1.21 12.24
N ILE B 19 -1.41 -0.25 12.77
CA ILE B 19 -2.40 0.47 11.94
C ILE B 19 -1.89 1.91 11.72
N VAL B 20 -1.90 2.29 10.44
CA VAL B 20 -1.30 3.56 10.10
C VAL B 20 -2.47 4.53 9.78
N VAL B 21 -2.58 5.53 10.60
CA VAL B 21 -3.67 6.51 10.53
C VAL B 21 -3.16 7.77 9.85
N GLY B 22 -3.65 8.04 8.65
CA GLY B 22 -3.32 9.34 8.05
C GLY B 22 -4.11 10.40 8.77
N HIS B 23 -3.55 11.63 8.78
CA HIS B 23 -4.24 12.73 9.43
C HIS B 23 -3.81 14.06 8.80
N ARG B 24 -4.55 15.09 9.09
CA ARG B 24 -4.24 16.42 8.60
C ARG B 24 -3.49 17.24 9.64
N GLU B 25 -2.84 18.29 9.13
CA GLU B 25 -2.10 19.21 10.00
C GLU B 25 -2.87 20.50 10.28
N SER B 26 -3.79 20.86 9.36
CA SER B 26 -4.40 22.17 9.37
C SER B 26 -5.82 22.13 8.85
N SER B 27 -6.59 21.09 9.23
CA SER B 27 -8.00 21.05 8.85
C SER B 27 -8.80 21.28 10.10
N VAL B 28 -9.00 22.55 10.44
CA VAL B 28 -9.55 22.89 11.75
C VAL B 28 -11.05 23.04 11.61
N PRO B 29 -11.89 22.49 12.51
CA PRO B 29 -11.56 21.73 13.73
C PRO B 29 -11.78 20.24 13.56
N PHE B 30 -11.28 19.69 12.45
CA PHE B 30 -11.49 18.29 12.03
C PHE B 30 -10.36 17.37 12.41
N SER B 31 -9.13 17.73 11.97
CA SER B 31 -7.93 16.92 12.15
C SER B 31 -6.76 17.92 12.05
N TYR B 32 -6.14 18.21 13.17
CA TYR B 32 -5.14 19.32 13.19
C TYR B 32 -4.31 19.20 14.43
N TYR B 33 -3.18 19.93 14.47
CA TYR B 33 -2.31 19.97 15.60
C TYR B 33 -2.78 20.96 16.66
N ASP B 34 -2.82 20.46 17.94
CA ASP B 34 -3.25 21.31 19.02
C ASP B 34 -2.12 22.14 19.65
N ASN B 35 -0.87 21.96 19.25
CA ASN B 35 0.30 22.57 19.92
C ASN B 35 0.41 22.14 21.38
N GLN B 36 -0.19 20.94 21.66
CA GLN B 36 -0.02 20.21 22.87
C GLN B 36 0.41 18.80 22.56
N GLN B 37 1.07 18.59 21.46
CA GLN B 37 1.67 17.33 21.02
C GLN B 37 0.67 16.28 20.50
N LYS B 38 -0.57 16.66 20.24
CA LYS B 38 -1.56 15.75 19.74
C LYS B 38 -2.21 16.19 18.42
C LYS B 38 -2.14 16.18 18.38
N VAL B 39 -2.76 15.22 17.72
CA VAL B 39 -3.60 15.41 16.56
C VAL B 39 -5.04 15.25 17.02
N VAL B 40 -5.84 16.28 16.84
CA VAL B 40 -7.17 16.35 17.45
C VAL B 40 -8.17 16.85 16.44
N GLY B 41 -9.45 16.71 16.82
CA GLY B 41 -10.57 17.32 16.17
C GLY B 41 -11.75 16.37 16.02
N TYR B 42 -12.84 16.95 15.45
CA TYR B 42 -14.11 16.22 15.31
C TYR B 42 -13.92 14.98 14.46
N SER B 43 -13.21 15.11 13.31
CA SER B 43 -12.97 13.96 12.46
C SER B 43 -12.02 12.97 13.09
N GLN B 44 -10.97 13.48 13.77
CA GLN B 44 -10.01 12.62 14.41
C GLN B 44 -10.65 11.80 15.51
N ASP B 45 -11.72 12.33 16.14
CA ASP B 45 -12.46 11.51 17.12
C ASP B 45 -13.03 10.24 16.47
N TYR B 46 -13.50 10.33 15.23
CA TYR B 46 -13.89 9.11 14.53
C TYR B 46 -12.71 8.20 14.28
N SER B 47 -11.56 8.76 13.89
CA SER B 47 -10.37 7.89 13.70
C SER B 47 -10.04 7.10 14.94
N ASN B 48 -10.12 7.77 16.10
CA ASN B 48 -9.80 7.10 17.34
C ASN B 48 -10.78 5.94 17.62
N ALA B 49 -12.04 6.20 17.32
CA ALA B 49 -13.03 5.14 17.48
C ALA B 49 -12.76 3.98 16.55
N ILE B 50 -12.37 4.30 15.33
CA ILE B 50 -12.08 3.26 14.32
C ILE B 50 -10.89 2.43 14.77
N VAL B 51 -9.82 3.10 15.28
CA VAL B 51 -8.66 2.37 15.79
C VAL B 51 -9.09 1.38 16.88
N GLU B 52 -9.94 1.82 17.80
CA GLU B 52 -10.39 0.92 18.87
C GLU B 52 -11.15 -0.25 18.26
N ALA B 53 -12.00 -0.01 17.26
CA ALA B 53 -12.73 -1.10 16.65
C ALA B 53 -11.81 -2.07 15.97
N VAL B 54 -10.71 -1.61 15.35
CA VAL B 54 -9.76 -2.50 14.75
C VAL B 54 -9.08 -3.37 15.79
N LYS B 55 -8.62 -2.77 16.88
CA LYS B 55 -7.97 -3.52 17.94
C LYS B 55 -8.86 -4.64 18.45
N LYS B 56 -10.16 -4.29 18.61
CA LYS B 56 -11.12 -5.28 19.06
C LYS B 56 -11.31 -6.38 18.02
N LYS B 57 -11.54 -6.00 16.75
CA LYS B 57 -11.75 -7.00 15.71
C LYS B 57 -10.62 -7.97 15.55
N LEU B 58 -9.41 -7.46 15.61
CA LEU B 58 -8.24 -8.32 15.47
C LEU B 58 -7.80 -8.99 16.77
N ASN B 59 -8.43 -8.66 17.87
CA ASN B 59 -8.06 -9.20 19.18
C ASN B 59 -6.64 -8.93 19.53
N LYS B 60 -6.17 -7.71 19.25
CA LYS B 60 -4.78 -7.27 19.43
C LYS B 60 -4.79 -5.92 20.09
N PRO B 61 -4.95 -5.86 21.40
CA PRO B 61 -5.07 -4.59 22.13
C PRO B 61 -3.79 -3.77 22.09
N ASP B 62 -2.64 -4.41 21.83
CA ASP B 62 -1.34 -3.72 21.84
C ASP B 62 -0.86 -3.40 20.43
N LEU B 63 -1.77 -3.45 19.48
N LEU B 63 -1.76 -3.43 19.44
CA LEU B 63 -1.46 -3.02 18.11
CA LEU B 63 -1.36 -3.02 18.09
C LEU B 63 -0.80 -1.67 18.10
C LEU B 63 -0.77 -1.62 18.15
N GLN B 64 0.32 -1.48 17.41
CA GLN B 64 0.93 -0.16 17.29
C GLN B 64 0.05 0.72 16.42
N VAL B 65 0.00 1.99 16.78
CA VAL B 65 -0.76 2.99 16.03
C VAL B 65 0.24 4.05 15.58
N LYS B 66 0.35 4.27 14.30
CA LYS B 66 1.25 5.26 13.71
C LYS B 66 0.45 6.37 13.05
N LEU B 67 0.74 7.61 13.34
CA LEU B 67 0.06 8.75 12.75
C LEU B 67 0.97 9.35 11.69
N ILE B 68 0.48 9.50 10.49
CA ILE B 68 1.22 10.00 9.35
C ILE B 68 0.52 11.23 8.75
N PRO B 69 1.15 12.39 8.73
CA PRO B 69 0.52 13.55 8.12
C PRO B 69 0.40 13.38 6.61
N ILE B 70 -0.70 13.85 6.08
CA ILE B 70 -1.00 13.84 4.63
C ILE B 70 -1.50 15.25 4.24
N THR B 71 -1.55 15.46 2.93
CA THR B 71 -2.06 16.73 2.39
C THR B 71 -3.23 16.45 1.43
N SER B 72 -3.93 17.53 1.08
CA SER B 72 -5.02 17.41 0.10
C SER B 72 -4.45 16.89 -1.22
N GLN B 73 -3.23 17.35 -1.60
CA GLN B 73 -2.66 16.90 -2.87
C GLN B 73 -2.19 15.45 -2.81
N ASN B 74 -1.53 15.01 -1.77
CA ASN B 74 -0.82 13.76 -1.73
C ASN B 74 -1.67 12.58 -1.16
N ARG B 75 -2.87 12.86 -0.67
CA ARG B 75 -3.57 11.83 0.08
C ARG B 75 -3.87 10.60 -0.77
N ILE B 76 -4.33 10.74 -2.02
CA ILE B 76 -4.66 9.52 -2.82
C ILE B 76 -3.42 8.73 -3.18
N PRO B 77 -2.33 9.36 -3.68
CA PRO B 77 -1.08 8.57 -3.88
C PRO B 77 -0.60 7.84 -2.65
N LEU B 78 -0.65 8.47 -1.49
CA LEU B 78 -0.17 7.83 -0.28
C LEU B 78 -1.11 6.68 0.13
N LEU B 79 -2.41 6.84 -0.09
CA LEU B 79 -3.38 5.77 0.24
C LEU B 79 -3.10 4.56 -0.60
N GLN B 80 -2.89 4.78 -1.93
CA GLN B 80 -2.85 3.69 -2.86
C GLN B 80 -1.64 2.79 -2.73
N ASN B 81 -0.50 3.28 -2.22
CA ASN B 81 0.63 2.41 -1.96
C ASN B 81 0.71 1.96 -0.50
N GLY B 82 -0.34 2.24 0.27
CA GLY B 82 -0.34 1.75 1.67
C GLY B 82 0.49 2.54 2.60
N THR B 83 0.85 3.81 2.25
CA THR B 83 1.59 4.65 3.18
C THR B 83 0.77 4.86 4.44
N PHE B 84 -0.57 4.99 4.28
CA PHE B 84 -1.47 4.96 5.42
C PHE B 84 -2.66 4.06 5.07
N ASP B 85 -3.45 3.70 6.11
CA ASP B 85 -4.56 2.78 5.95
C ASP B 85 -5.90 3.46 5.84
N PHE B 86 -6.15 4.51 6.61
CA PHE B 86 -7.36 5.30 6.46
C PHE B 86 -7.09 6.68 7.07
N GLU B 87 -7.94 7.65 6.76
CA GLU B 87 -7.85 8.98 7.35
C GLU B 87 -9.26 9.52 7.52
N CYS B 88 -9.52 10.25 8.61
CA CYS B 88 -10.74 10.99 8.80
C CYS B 88 -10.33 12.44 9.02
N GLY B 89 -10.78 13.31 8.10
CA GLY B 89 -10.33 14.72 8.16
C GLY B 89 -11.36 15.56 7.49
N SER B 90 -10.96 16.09 6.32
CA SER B 90 -11.75 17.04 5.52
C SER B 90 -11.75 16.67 4.07
N THR B 91 -11.73 15.37 3.72
CA THR B 91 -11.78 14.94 2.35
C THR B 91 -13.20 14.77 1.86
N THR B 92 -13.50 15.48 0.77
CA THR B 92 -14.78 15.34 0.08
C THR B 92 -14.87 14.00 -0.64
N ASN B 93 -15.99 13.29 -0.39
CA ASN B 93 -16.41 12.11 -1.15
C ASN B 93 -17.07 12.59 -2.41
N ASN B 94 -16.49 12.30 -3.56
CA ASN B 94 -17.18 12.56 -4.81
C ASN B 94 -16.98 11.40 -5.76
N VAL B 95 -17.78 11.39 -6.86
CA VAL B 95 -17.73 10.27 -7.80
C VAL B 95 -16.37 10.08 -8.46
N GLU B 96 -15.73 11.19 -8.82
CA GLU B 96 -14.42 11.07 -9.41
C GLU B 96 -13.47 10.35 -8.50
N ARG B 97 -13.43 10.72 -7.20
CA ARG B 97 -12.49 10.12 -6.29
C ARG B 97 -12.85 8.68 -5.96
N GLN B 98 -14.12 8.32 -6.12
CA GLN B 98 -14.50 6.92 -5.95
C GLN B 98 -13.83 6.00 -6.97
N LYS B 99 -13.32 6.54 -8.06
CA LYS B 99 -12.55 5.74 -9.02
C LYS B 99 -11.19 5.33 -8.44
N GLN B 100 -10.72 5.99 -7.39
CA GLN B 100 -9.40 5.83 -6.83
C GLN B 100 -9.34 5.40 -5.37
N ALA B 101 -10.46 5.52 -4.64
CA ALA B 101 -10.52 5.39 -3.21
C ALA B 101 -11.96 5.04 -2.85
N ALA B 102 -12.20 4.67 -1.61
CA ALA B 102 -13.53 4.51 -1.07
C ALA B 102 -13.67 5.47 0.11
N PHE B 103 -14.93 5.68 0.43
CA PHE B 103 -15.33 6.62 1.47
C PHE B 103 -16.29 5.97 2.46
N SER B 104 -16.14 6.32 3.73
CA SER B 104 -17.10 5.91 4.76
C SER B 104 -18.41 6.70 4.63
N ASP B 105 -19.33 6.36 5.52
CA ASP B 105 -20.47 7.18 5.78
C ASP B 105 -20.01 8.61 6.04
N THR B 106 -20.81 9.55 5.65
CA THR B 106 -20.56 10.99 5.77
C THR B 106 -20.49 11.45 7.20
N ILE B 107 -19.46 12.25 7.51
CA ILE B 107 -19.27 12.78 8.84
C ILE B 107 -19.51 14.30 8.91
N PHE B 108 -19.56 15.00 7.78
CA PHE B 108 -19.79 16.45 7.80
C PHE B 108 -20.19 16.92 6.41
N VAL B 109 -20.81 18.09 6.35
CA VAL B 109 -21.23 18.71 5.09
C VAL B 109 -20.81 20.18 5.11
N VAL B 110 -20.19 20.61 4.00
CA VAL B 110 -19.68 21.97 3.88
C VAL B 110 -20.14 22.63 2.58
N GLY B 111 -20.01 23.96 2.55
CA GLY B 111 -20.20 24.71 1.35
C GLY B 111 -18.95 25.53 1.05
N THR B 112 -18.57 25.66 -0.19
CA THR B 112 -17.32 26.33 -0.56
C THR B 112 -17.53 27.83 -0.71
N ARG B 113 -16.83 28.60 0.11
CA ARG B 113 -17.05 30.05 0.21
C ARG B 113 -15.67 30.76 0.21
N LEU B 114 -15.65 32.05 0.59
CA LEU B 114 -14.46 32.88 0.60
C LEU B 114 -14.19 33.45 1.97
N LEU B 115 -12.95 33.53 2.36
CA LEU B 115 -12.48 34.30 3.51
C LEU B 115 -11.76 35.54 2.96
N THR B 116 -12.09 36.71 3.55
CA THR B 116 -11.53 37.97 3.05
C THR B 116 -11.41 38.99 4.19
N LYS B 117 -10.60 40.02 4.05
CA LYS B 117 -10.47 41.02 5.10
C LYS B 117 -11.77 41.83 5.26
N LYS B 118 -12.08 42.11 6.53
CA LYS B 118 -13.26 42.93 6.80
C LYS B 118 -13.07 44.29 6.19
N GLY B 119 -14.17 44.96 5.88
CA GLY B 119 -14.10 46.26 5.27
C GLY B 119 -13.40 46.30 3.91
N GLY B 120 -12.93 45.22 3.31
CA GLY B 120 -12.52 45.25 1.91
C GLY B 120 -13.70 45.19 0.98
N ASP B 121 -13.33 45.03 -0.29
CA ASP B 121 -14.39 45.11 -1.27
C ASP B 121 -14.83 43.73 -1.76
N ILE B 122 -14.54 42.60 -1.12
CA ILE B 122 -15.02 41.31 -1.61
C ILE B 122 -16.26 40.85 -0.87
N LYS B 123 -17.44 40.85 -1.53
CA LYS B 123 -18.64 40.29 -0.91
C LYS B 123 -19.19 39.08 -1.67
N ASP B 124 -18.86 38.88 -2.93
CA ASP B 124 -19.34 37.78 -3.75
C ASP B 124 -18.21 37.29 -4.65
N PHE B 125 -18.39 36.13 -5.21
CA PHE B 125 -17.40 35.60 -6.13
C PHE B 125 -17.12 36.57 -7.30
N ALA B 126 -18.14 37.28 -7.79
CA ALA B 126 -17.92 38.12 -8.97
C ALA B 126 -16.91 39.20 -8.61
N ASP B 127 -16.76 39.58 -7.34
CA ASP B 127 -15.87 40.65 -6.92
C ASP B 127 -14.39 40.24 -7.05
N LEU B 128 -14.14 38.97 -7.31
CA LEU B 128 -12.79 38.47 -7.46
C LEU B 128 -12.20 38.78 -8.87
N LYS B 129 -12.99 39.34 -9.78
CA LYS B 129 -12.49 39.56 -11.13
C LYS B 129 -11.22 40.42 -11.05
N GLY B 130 -10.17 39.93 -11.72
CA GLY B 130 -8.90 40.58 -11.77
C GLY B 130 -8.10 40.61 -10.53
N LYS B 131 -8.43 39.75 -9.53
CA LYS B 131 -7.81 39.75 -8.22
C LYS B 131 -6.94 38.49 -8.04
N ALA B 132 -6.02 38.61 -7.05
CA ALA B 132 -5.23 37.45 -6.57
C ALA B 132 -6.04 36.68 -5.54
N VAL B 133 -6.20 35.38 -5.75
CA VAL B 133 -7.03 34.54 -4.92
C VAL B 133 -6.23 33.28 -4.56
N VAL B 134 -6.20 32.91 -3.29
CA VAL B 134 -5.48 31.71 -2.87
C VAL B 134 -6.49 30.55 -2.65
N VAL B 135 -5.93 29.37 -2.91
CA VAL B 135 -6.69 28.11 -2.73
C VAL B 135 -5.68 27.04 -2.38
N THR B 136 -6.07 25.99 -1.65
CA THR B 136 -5.15 24.90 -1.30
C THR B 136 -5.09 23.92 -2.46
N SER B 137 -3.83 23.55 -2.78
CA SER B 137 -3.57 22.59 -3.83
C SER B 137 -4.29 21.28 -3.61
C SER B 137 -4.20 21.23 -3.64
N GLY B 138 -4.83 20.70 -4.69
CA GLY B 138 -5.39 19.36 -4.61
C GLY B 138 -6.79 19.27 -4.08
N THR B 139 -7.48 20.41 -3.96
CA THR B 139 -8.83 20.45 -3.41
C THR B 139 -9.90 20.61 -4.45
N THR B 140 -11.11 20.30 -4.06
CA THR B 140 -12.28 20.58 -4.92
C THR B 140 -12.43 22.08 -5.18
N SER B 141 -12.05 22.94 -4.22
CA SER B 141 -12.14 24.38 -4.45
C SER B 141 -11.17 24.79 -5.54
N GLU B 142 -9.96 24.19 -5.59
CA GLU B 142 -9.03 24.55 -6.64
C GLU B 142 -9.64 24.22 -8.01
N VAL B 143 -10.28 23.06 -8.14
CA VAL B 143 -10.96 22.72 -9.41
C VAL B 143 -12.05 23.72 -9.74
N LEU B 144 -12.91 24.05 -8.77
CA LEU B 144 -14.03 24.97 -9.00
C LEU B 144 -13.51 26.35 -9.38
N LEU B 145 -12.49 26.82 -8.70
CA LEU B 145 -11.98 28.19 -8.89
C LEU B 145 -11.36 28.31 -10.28
N ASN B 146 -10.57 27.31 -10.70
CA ASN B 146 -10.00 27.35 -12.04
C ASN B 146 -11.12 27.30 -13.10
N LYS B 147 -12.13 26.50 -12.89
CA LYS B 147 -13.25 26.45 -13.82
C LYS B 147 -14.00 27.77 -13.92
N LEU B 148 -14.27 28.38 -12.75
CA LEU B 148 -14.91 29.69 -12.76
C LEU B 148 -14.06 30.67 -13.50
N ASN B 149 -12.75 30.65 -13.27
CA ASN B 149 -11.86 31.59 -13.94
C ASN B 149 -11.97 31.49 -15.43
N GLU B 150 -12.06 30.24 -15.97
CA GLU B 150 -12.15 30.04 -17.38
C GLU B 150 -13.54 30.38 -17.91
N GLU B 151 -14.59 29.78 -17.31
CA GLU B 151 -15.94 29.90 -17.84
C GLU B 151 -16.53 31.28 -17.69
N GLN B 152 -16.14 31.98 -16.63
CA GLN B 152 -16.67 33.30 -16.39
C GLN B 152 -15.63 34.40 -16.71
N LYS B 153 -14.48 33.97 -17.30
CA LYS B 153 -13.48 34.94 -17.77
C LYS B 153 -13.14 35.94 -16.68
N MET B 154 -12.69 35.48 -15.51
N MET B 154 -12.73 35.37 -15.55
CA MET B 154 -12.53 36.40 -14.40
CA MET B 154 -12.55 36.10 -14.31
C MET B 154 -11.14 36.99 -14.26
C MET B 154 -11.18 36.79 -14.22
N ASN B 155 -10.16 36.43 -14.99
CA ASN B 155 -8.81 36.97 -14.90
C ASN B 155 -8.26 37.01 -13.44
N MET B 156 -8.56 35.99 -12.67
CA MET B 156 -7.98 35.80 -11.38
C MET B 156 -6.57 35.25 -11.50
N ARG B 157 -5.70 35.69 -10.60
CA ARG B 157 -4.39 35.09 -10.44
C ARG B 157 -4.51 34.11 -9.27
N ILE B 158 -4.55 32.85 -9.62
CA ILE B 158 -4.78 31.80 -8.60
C ILE B 158 -3.49 31.30 -8.03
N ILE B 159 -3.31 31.52 -6.73
CA ILE B 159 -2.20 31.05 -5.94
C ILE B 159 -2.57 29.72 -5.30
N SER B 160 -1.77 28.70 -5.52
CA SER B 160 -2.06 27.33 -5.01
C SER B 160 -1.11 27.04 -3.87
N ALA B 161 -1.57 26.96 -2.64
CA ALA B 161 -0.74 26.79 -1.45
C ALA B 161 -0.85 25.37 -0.93
N LYS B 162 0.16 24.94 -0.14
CA LYS B 162 0.28 23.48 0.14
C LYS B 162 -0.75 22.98 1.14
N ASP B 163 -1.22 23.80 2.05
CA ASP B 163 -2.20 23.36 3.07
C ASP B 163 -3.01 24.59 3.47
N HIS B 164 -4.07 24.34 4.27
CA HIS B 164 -5.01 25.42 4.55
C HIS B 164 -4.40 26.55 5.36
N GLY B 165 -3.50 26.25 6.29
CA GLY B 165 -2.86 27.35 7.04
C GLY B 165 -1.93 28.16 6.13
N ASP B 166 -1.28 27.51 5.19
CA ASP B 166 -0.44 28.26 4.23
C ASP B 166 -1.31 29.18 3.40
N SER B 167 -2.47 28.67 2.97
CA SER B 167 -3.40 29.51 2.25
C SER B 167 -3.85 30.70 3.09
N PHE B 168 -4.25 30.44 4.35
CA PHE B 168 -4.68 31.55 5.18
C PHE B 168 -3.59 32.57 5.35
N ARG B 169 -2.37 32.13 5.59
CA ARG B 169 -1.25 33.07 5.82
C ARG B 169 -0.99 33.87 4.55
N THR B 170 -1.24 33.35 3.36
CA THR B 170 -1.15 34.07 2.09
C THR B 170 -2.11 35.26 2.13
N LEU B 171 -3.33 35.00 2.54
CA LEU B 171 -4.31 36.02 2.70
C LEU B 171 -3.90 37.06 3.76
N GLU B 172 -3.50 36.55 4.93
CA GLU B 172 -3.21 37.40 6.09
C GLU B 172 -2.08 38.36 5.79
N SER B 173 -1.10 37.93 5.01
CA SER B 173 0.09 38.72 4.69
C SER B 173 -0.11 39.59 3.46
N GLY B 174 -1.34 39.64 2.91
CA GLY B 174 -1.68 40.54 1.82
C GLY B 174 -1.18 40.06 0.46
N ARG B 175 -0.84 38.80 0.30
CA ARG B 175 -0.45 38.16 -0.96
C ARG B 175 -1.67 37.71 -1.80
N ALA B 176 -2.84 37.71 -1.20
CA ALA B 176 -4.11 37.43 -1.90
C ALA B 176 -5.21 38.23 -1.22
N VAL B 177 -6.30 38.50 -1.96
CA VAL B 177 -7.41 39.25 -1.41
C VAL B 177 -8.47 38.35 -0.83
N ALA B 178 -8.50 37.08 -1.15
CA ALA B 178 -9.48 36.13 -0.63
C ALA B 178 -8.86 34.74 -0.71
N PHE B 179 -9.35 33.85 0.14
CA PHE B 179 -9.04 32.43 0.20
C PHE B 179 -10.37 31.67 -0.03
N MET B 180 -10.42 30.86 -1.11
CA MET B 180 -11.60 30.02 -1.33
C MET B 180 -11.37 28.64 -0.70
N MET B 181 -12.31 28.23 0.14
CA MET B 181 -12.30 26.86 0.75
C MET B 181 -13.62 26.57 1.36
N ASP B 182 -13.80 25.30 1.68
CA ASP B 182 -14.89 24.83 2.55
C ASP B 182 -15.08 25.79 3.70
N ASP B 183 -16.33 26.21 3.91
CA ASP B 183 -16.66 27.21 4.93
C ASP B 183 -16.13 26.84 6.30
N ALA B 184 -16.34 25.59 6.74
CA ALA B 184 -15.91 25.20 8.08
C ALA B 184 -14.37 25.38 8.24
N LEU B 185 -13.63 25.03 7.17
CA LEU B 185 -12.17 25.14 7.23
C LEU B 185 -11.74 26.59 7.28
N LEU B 186 -12.44 27.47 6.56
CA LEU B 186 -12.17 28.91 6.64
C LEU B 186 -12.33 29.41 8.08
N ALA B 187 -13.44 29.04 8.69
CA ALA B 187 -13.68 29.39 10.10
C ALA B 187 -12.58 28.84 10.99
N GLY B 188 -12.14 27.61 10.72
CA GLY B 188 -11.06 27.01 11.48
C GLY B 188 -9.77 27.74 11.39
N GLU B 189 -9.40 28.18 10.17
CA GLU B 189 -8.19 29.01 10.05
C GLU B 189 -8.34 30.33 10.79
N ARG B 190 -9.52 30.92 10.70
CA ARG B 190 -9.78 32.19 11.41
C ARG B 190 -9.62 31.97 12.93
N ALA B 191 -9.96 30.79 13.43
CA ALA B 191 -9.85 30.45 14.86
C ALA B 191 -8.40 30.26 15.31
N LYS B 192 -7.46 30.43 14.42
CA LYS B 192 -6.05 30.47 14.74
C LYS B 192 -5.38 31.82 14.46
N ALA B 193 -6.08 32.75 13.85
CA ALA B 193 -5.54 33.99 13.36
C ALA B 193 -5.10 34.90 14.50
N LYS B 194 -4.17 35.78 14.17
CA LYS B 194 -3.70 36.88 14.99
C LYS B 194 -4.86 37.74 15.51
N LYS B 195 -5.67 38.09 14.50
CA LYS B 195 -6.83 38.95 14.77
C LYS B 195 -8.03 38.27 14.08
N PRO B 196 -8.71 37.35 14.73
CA PRO B 196 -9.87 36.69 14.07
C PRO B 196 -10.92 37.64 13.57
N ASP B 197 -11.11 38.70 14.32
N ASP B 197 -11.30 38.79 14.16
CA ASP B 197 -12.00 39.77 13.94
CA ASP B 197 -12.26 39.80 13.75
C ASP B 197 -11.80 40.34 12.53
C ASP B 197 -11.80 40.51 12.45
N ASN B 198 -10.57 40.23 12.01
CA ASN B 198 -10.23 40.85 10.74
C ASN B 198 -10.76 40.10 9.52
N TRP B 199 -11.36 38.92 9.72
CA TRP B 199 -11.66 38.02 8.60
C TRP B 199 -13.13 37.63 8.53
N ASP B 200 -13.74 37.81 7.36
CA ASP B 200 -15.14 37.53 7.09
C ASP B 200 -15.26 36.41 6.07
N ILE B 201 -16.23 35.50 6.30
CA ILE B 201 -16.61 34.49 5.31
C ILE B 201 -17.77 35.09 4.52
N VAL B 202 -17.60 35.12 3.20
CA VAL B 202 -18.53 35.74 2.25
C VAL B 202 -18.72 34.85 1.04
N GLY B 203 -19.72 35.19 0.23
CA GLY B 203 -20.00 34.58 -1.02
C GLY B 203 -21.06 33.51 -0.97
N LYS B 204 -21.71 33.33 -2.12
CA LYS B 204 -22.66 32.20 -2.25
C LYS B 204 -21.81 30.92 -2.38
N PRO B 205 -22.23 29.82 -1.76
CA PRO B 205 -21.42 28.59 -1.90
C PRO B 205 -21.39 28.13 -3.32
N GLN B 206 -20.21 27.66 -3.74
CA GLN B 206 -20.04 27.18 -5.12
C GLN B 206 -20.32 25.69 -5.26
N SER B 207 -20.43 24.98 -4.14
CA SER B 207 -20.69 23.58 -4.07
C SER B 207 -21.16 23.25 -2.66
N GLN B 208 -21.79 22.08 -2.53
CA GLN B 208 -22.11 21.50 -1.24
C GLN B 208 -21.47 20.10 -1.25
N GLU B 209 -20.66 19.81 -0.26
CA GLU B 209 -19.80 18.64 -0.26
C GLU B 209 -19.85 17.87 1.01
N ALA B 210 -19.81 16.54 0.91
CA ALA B 210 -19.80 15.61 2.03
C ALA B 210 -18.41 15.13 2.33
N TYR B 211 -18.00 15.24 3.59
CA TYR B 211 -16.80 14.64 4.09
C TYR B 211 -17.02 13.18 4.42
N GLY B 212 -16.13 12.30 4.00
CA GLY B 212 -16.08 10.94 4.50
C GLY B 212 -14.67 10.61 4.97
N CYS B 213 -14.51 9.66 5.85
CA CYS B 213 -13.20 9.03 6.05
C CYS B 213 -12.84 8.33 4.75
N MET B 214 -11.57 8.34 4.38
CA MET B 214 -11.10 7.77 3.14
C MET B 214 -10.30 6.50 3.46
N LEU B 215 -10.51 5.46 2.63
CA LEU B 215 -9.82 4.19 2.73
C LEU B 215 -9.60 3.64 1.30
N ARG B 216 -8.88 2.53 1.16
CA ARG B 216 -8.69 1.98 -0.16
C ARG B 216 -9.98 1.38 -0.69
N LYS B 217 -10.04 1.46 -2.01
CA LYS B 217 -11.17 0.93 -2.75
C LYS B 217 -11.13 -0.60 -2.70
N ASP B 218 -12.28 -1.21 -2.92
CA ASP B 218 -12.32 -2.68 -3.06
C ASP B 218 -11.97 -3.43 -1.79
N ASP B 219 -12.30 -2.83 -0.65
CA ASP B 219 -12.08 -3.40 0.68
C ASP B 219 -13.34 -3.27 1.48
N PRO B 220 -14.34 -4.10 1.13
CA PRO B 220 -15.64 -3.99 1.80
C PRO B 220 -15.58 -4.25 3.30
N GLN B 221 -14.70 -5.17 3.73
CA GLN B 221 -14.69 -5.47 5.15
C GLN B 221 -14.22 -4.32 6.00
N PHE B 222 -13.17 -3.63 5.52
CA PHE B 222 -12.68 -2.49 6.27
C PHE B 222 -13.68 -1.34 6.22
N LYS B 223 -14.31 -1.10 5.07
CA LYS B 223 -15.34 -0.07 4.97
C LYS B 223 -16.47 -0.37 5.92
N LYS B 224 -16.86 -1.66 6.05
CA LYS B 224 -17.93 -2.03 6.95
C LYS B 224 -17.56 -1.75 8.40
N LEU B 225 -16.34 -2.07 8.80
CA LEU B 225 -15.86 -1.76 10.16
C LEU B 225 -15.99 -0.28 10.42
N MET B 226 -15.51 0.54 9.45
CA MET B 226 -15.53 1.97 9.64
C MET B 226 -16.95 2.51 9.71
N ASP B 227 -17.81 2.09 8.77
CA ASP B 227 -19.18 2.53 8.74
C ASP B 227 -19.96 2.09 9.99
N ASP B 228 -19.74 0.85 10.41
CA ASP B 228 -20.40 0.41 11.60
C ASP B 228 -20.02 1.23 12.83
N THR B 229 -18.75 1.63 12.90
CA THR B 229 -18.28 2.45 13.99
C THR B 229 -18.92 3.83 13.95
N ILE B 230 -18.91 4.41 12.77
CA ILE B 230 -19.53 5.74 12.55
C ILE B 230 -21.02 5.71 12.88
N ALA B 231 -21.69 4.64 12.47
CA ALA B 231 -23.13 4.55 12.67
C ALA B 231 -23.43 4.49 14.17
N GLN B 232 -22.63 3.77 14.95
CA GLN B 232 -22.89 3.74 16.37
C GLN B 232 -22.71 5.13 16.97
N VAL B 233 -21.62 5.83 16.62
CA VAL B 233 -21.37 7.15 17.18
C VAL B 233 -22.48 8.13 16.84
N GLN B 234 -22.92 8.07 15.58
CA GLN B 234 -23.91 9.03 15.11
C GLN B 234 -25.30 8.77 15.66
N THR B 235 -25.74 7.51 15.60
CA THR B 235 -27.11 7.21 16.06
C THR B 235 -27.25 7.23 17.58
N SER B 236 -26.19 7.08 18.35
CA SER B 236 -26.24 7.11 19.80
C SER B 236 -26.32 8.52 20.37
N GLY B 237 -26.09 9.55 19.56
CA GLY B 237 -26.05 10.92 20.03
C GLY B 237 -24.64 11.37 20.32
N GLU B 238 -23.66 10.50 20.26
CA GLU B 238 -22.28 10.90 20.56
C GLU B 238 -21.75 11.86 19.48
N ALA B 239 -22.04 11.65 18.22
CA ALA B 239 -21.47 12.55 17.20
C ALA B 239 -21.89 14.00 17.46
N GLU B 240 -23.17 14.18 17.87
CA GLU B 240 -23.61 15.54 18.15
C GLU B 240 -22.87 16.13 19.33
N LYS B 241 -22.55 15.34 20.34
CA LYS B 241 -21.72 15.86 21.44
C LYS B 241 -20.38 16.25 20.90
N TRP B 242 -19.80 15.47 20.00
CA TRP B 242 -18.51 15.84 19.38
C TRP B 242 -18.63 17.13 18.60
N PHE B 243 -19.74 17.28 17.88
CA PHE B 243 -19.99 18.52 17.18
C PHE B 243 -19.96 19.70 18.13
N ASP B 244 -20.76 19.57 19.23
CA ASP B 244 -20.86 20.71 20.14
C ASP B 244 -19.49 21.06 20.70
N LYS B 245 -18.71 20.02 21.02
CA LYS B 245 -17.36 20.24 21.55
C LYS B 245 -16.51 21.07 20.59
N TRP B 246 -16.45 20.66 19.36
CA TRP B 246 -15.51 21.22 18.39
C TRP B 246 -16.04 22.46 17.71
N PHE B 247 -17.34 22.68 17.68
CA PHE B 247 -17.93 23.77 16.90
C PHE B 247 -18.67 24.81 17.70
N LYS B 248 -18.96 24.53 18.99
CA LYS B 248 -19.71 25.46 19.84
C LYS B 248 -18.99 25.82 21.13
N ASN B 249 -17.79 25.34 21.34
CA ASN B 249 -17.02 25.60 22.55
C ASN B 249 -15.58 26.02 22.21
N PRO B 250 -14.86 26.63 23.14
CA PRO B 250 -13.47 27.02 22.85
C PRO B 250 -12.65 25.78 22.46
N ILE B 251 -11.81 25.94 21.46
CA ILE B 251 -10.98 24.89 20.95
C ILE B 251 -9.52 25.32 20.90
N PRO B 252 -8.59 24.36 20.94
CA PRO B 252 -7.19 24.69 20.72
C PRO B 252 -7.01 25.22 19.31
N PRO B 253 -5.93 25.94 19.03
CA PRO B 253 -4.85 26.24 19.95
C PRO B 253 -4.96 27.59 20.67
N LYS B 254 -5.95 28.37 20.34
CA LYS B 254 -6.08 29.75 20.86
C LYS B 254 -7.29 29.91 21.75
N ASN B 255 -8.06 28.86 22.06
CA ASN B 255 -9.23 28.94 22.92
C ASN B 255 -10.34 29.76 22.32
N LEU B 256 -10.41 29.85 20.99
CA LEU B 256 -11.50 30.57 20.29
C LEU B 256 -12.60 29.57 19.91
N ASN B 257 -13.75 30.10 19.58
CA ASN B 257 -14.97 29.37 19.29
C ASN B 257 -15.32 29.47 17.83
N MET B 258 -15.71 28.37 17.22
CA MET B 258 -16.26 28.41 15.85
C MET B 258 -17.64 29.05 15.76
N ASN B 259 -18.45 28.92 16.82
CA ASN B 259 -19.81 29.44 16.84
C ASN B 259 -20.67 28.96 15.67
N PHE B 260 -20.51 27.67 15.31
CA PHE B 260 -21.32 27.06 14.28
C PHE B 260 -22.58 26.41 14.83
N GLU B 261 -23.52 26.11 13.96
CA GLU B 261 -24.75 25.39 14.32
C GLU B 261 -24.84 24.15 13.47
N LEU B 262 -25.35 23.06 13.96
CA LEU B 262 -25.43 21.80 13.25
C LEU B 262 -26.42 21.90 12.08
N SER B 263 -25.96 21.51 10.89
CA SER B 263 -26.76 21.61 9.65
C SER B 263 -27.89 20.62 9.66
N ASP B 264 -28.91 21.03 8.88
CA ASP B 264 -30.01 20.12 8.63
C ASP B 264 -29.53 18.82 8.00
N GLU B 265 -28.51 18.90 7.13
CA GLU B 265 -28.03 17.72 6.43
C GLU B 265 -27.45 16.72 7.43
N MET B 266 -26.66 17.27 8.36
CA MET B 266 -26.10 16.32 9.32
C MET B 266 -27.10 15.88 10.37
N LYS B 267 -28.10 16.65 10.73
CA LYS B 267 -29.19 16.18 11.57
C LYS B 267 -29.79 14.94 10.95
N ALA B 268 -30.02 15.00 9.63
CA ALA B 268 -30.65 13.80 9.04
C ALA B 268 -29.71 12.63 8.97
N LEU B 269 -28.43 12.82 8.68
CA LEU B 269 -27.45 11.73 8.61
C LEU B 269 -27.23 11.14 9.96
N PHE B 270 -27.17 11.88 11.08
CA PHE B 270 -26.93 11.28 12.38
C PHE B 270 -28.07 10.31 12.76
N LYS B 271 -29.25 10.54 12.22
CA LYS B 271 -30.37 9.61 12.38
C LYS B 271 -30.31 8.41 11.47
N GLU B 272 -29.85 8.50 10.25
CA GLU B 272 -29.71 7.39 9.30
C GLU B 272 -28.44 7.65 8.46
N PRO B 273 -27.33 7.19 8.99
CA PRO B 273 -26.03 7.36 8.35
C PRO B 273 -26.03 6.85 6.92
N ASN B 274 -25.31 7.51 6.02
CA ASN B 274 -25.10 7.01 4.66
C ASN B 274 -23.82 7.59 4.06
N ASP B 275 -23.38 7.00 2.95
CA ASP B 275 -22.08 7.25 2.33
C ASP B 275 -22.17 7.81 0.92
N LYS B 276 -23.29 8.45 0.61
CA LYS B 276 -23.48 9.00 -0.75
C LYS B 276 -22.79 10.32 -0.91
N ALA B 277 -22.09 10.47 -2.04
CA ALA B 277 -21.55 11.76 -2.41
C ALA B 277 -22.69 12.76 -2.63
N LEU B 278 -22.42 14.04 -2.34
CA LEU B 278 -23.48 14.95 -2.81
C LEU B 278 -23.28 15.32 -4.28
N ASN B 279 -22.84 14.41 -5.01
N GLU C . 8.52 -18.98 -10.17
CA GLU C . 7.14 -19.49 -10.06
C GLU C . 6.15 -18.35 -9.91
O GLU C . 6.60 -17.18 -9.79
CB GLU C . 7.00 -20.57 -9.06
CG GLU C . 7.67 -20.39 -7.82
CD GLU C . 7.06 -19.45 -6.92
OE1 GLU C . 6.08 -18.71 -7.15
OE2 GLU C . 7.66 -19.46 -5.86
OXT GLU C . 4.93 -18.62 -10.05
C TRS D . 17.93 -2.01 -16.23
C1 TRS D . 17.74 -2.30 -17.76
C2 TRS D . 17.77 -0.50 -16.07
C3 TRS D . 19.37 -2.42 -15.88
N TRS D . 16.94 -2.74 -15.49
O1 TRS D . 17.59 -3.71 -17.95
O2 TRS D . 16.35 -0.13 -16.04
O3 TRS D . 19.56 -2.32 -14.50
N GLU E . -13.01 19.04 1.14
CA GLU E . -12.06 19.59 0.10
C GLU E . -11.40 18.42 -0.63
O GLU E . -11.59 17.26 -0.23
CB GLU E . -11.18 20.61 0.62
CG GLU E . -10.60 20.39 1.90
CD GLU E . -9.48 19.41 1.88
OE1 GLU E . -9.12 18.72 0.95
OE2 GLU E . -8.96 19.37 3.02
OXT GLU E . -10.74 18.74 -1.69
C TRS F . -23.68 2.06 4.62
C1 TRS F . -23.42 0.53 4.62
C2 TRS F . -24.29 2.49 5.98
C3 TRS F . -24.68 2.36 3.47
N TRS F . -22.46 2.83 4.40
O1 TRS F . -22.56 0.25 3.52
O2 TRS F . -23.31 2.37 7.02
O3 TRS F . -24.87 3.80 3.44
#